data_2LLJ
#
_entry.id   2LLJ
#
_cell.length_a   1.000
_cell.length_b   1.000
_cell.length_c   1.000
_cell.angle_alpha   90.00
_cell.angle_beta   90.00
_cell.angle_gamma   90.00
#
_symmetry.space_group_name_H-M   'P 1'
#
loop_
_entity.id
_entity.type
_entity.pdbx_description
1 polymer "DNA (5'-D(*CP*GP*TP*CP*GP*TP*AP*GP*TP*GP*C)-3')"
2 polymer "DNA (5'-D(*GP*CP*AP*CP*TP*TP*CP*GP*AP*CP*G)-3')"
3 non-polymer 6,22-dioxa-3,9,19,25-tetraazoniapentacyclo[25.5.3.3~11,17~.0~14,37~.0~30,34~]octatriaconta-1(33),11(38),12,14(37),15,17(36),27,29,31,34-decaene
4 water water
#
loop_
_entity_poly.entity_id
_entity_poly.type
_entity_poly.pdbx_seq_one_letter_code
_entity_poly.pdbx_strand_id
1 'polydeoxyribonucleotide' (DC)(DG)(DT)(DC)(DG)(DT)(DA)(DG)(DT)(DG)(DC) A
2 'polydeoxyribonucleotide' (DG)(DC)(DA)(DC)(DT)(DT)(DC)(DG)(DA)(DC)(DG) B
#